data_5X4V
#
_entry.id   5X4V
#
_cell.length_a   76.872
_cell.length_b   76.872
_cell.length_c   204.785
_cell.angle_alpha   90.00
_cell.angle_beta   90.00
_cell.angle_gamma   120.00
#
_symmetry.space_group_name_H-M   'P 61 2 2'
#
loop_
_entity.id
_entity.type
_entity.pdbx_description
1 polymer 'Photoactivated adenylyl cyclase'
2 non-polymer 1-deoxy-1-[8-(dimethylamino)-7-methyl-2,4-dioxo-3,4-dihydrobenzo[g]pteridin-10(2H)-yl]-D-ribitol
3 water water
#
_entity_poly.entity_id   1
_entity_poly.type   'polypeptide(L)'
_entity_poly.pdbx_seq_one_letter_code
;MKRLTYISKFSRPLSGDEIEAIGRISSQKNQQANVTGVLLCLDGIFFQILEGEAEKIDRIYERILADERHTDILCLKSEV
EVQERMFPDWSMQTINLDENTDFLIRPIKVLLQTLTESHRILEKYTQPSIFKIISQGTNPLNIRPKAVEKIVFFSDIVSF
STFAEKLPVEEVVSVVNSYFSVCTAIITRQGGEVTKFIGDCVMAYFDGDCADQAIQASLDILMELEILRNSAPEGSPLRV
LYSGIGLAKGKVIEGNIGSELKRDYTILGDAVNVAARLEALTRQLSQALVFSSEVKNSATKSWNFIWLTDSELKGKSESI
DIYSIDNEMTRKSSGGLEIARNIGHYLERVGDRQPSQIFGVKSLPL
;
_entity_poly.pdbx_strand_id   A
#
# COMPACT_ATOMS: atom_id res chain seq x y z
N MET A 1 -11.10 23.87 -14.35
CA MET A 1 -11.78 22.63 -14.04
C MET A 1 -10.81 21.52 -13.62
N LYS A 2 -11.28 20.28 -13.65
CA LYS A 2 -10.46 19.12 -13.33
C LYS A 2 -10.57 18.08 -14.44
N ARG A 3 -9.41 17.64 -14.94
CA ARG A 3 -9.38 16.60 -15.96
C ARG A 3 -8.69 15.35 -15.45
N LEU A 4 -9.45 14.27 -15.39
CA LEU A 4 -8.98 12.98 -14.90
C LEU A 4 -8.73 12.04 -16.07
N THR A 5 -7.60 11.33 -16.05
CA THR A 5 -7.32 10.32 -17.08
C THR A 5 -6.98 8.98 -16.47
N TYR A 6 -7.85 8.00 -16.67
CA TYR A 6 -7.58 6.70 -16.09
C TYR A 6 -7.61 5.54 -17.10
N ILE A 7 -7.13 4.39 -16.65
CA ILE A 7 -7.18 3.17 -17.44
C ILE A 7 -7.68 2.07 -16.53
N SER A 8 -8.35 1.07 -17.10
CA SER A 8 -8.77 -0.06 -16.27
C SER A 8 -8.89 -1.34 -17.10
N LYS A 9 -9.06 -2.47 -16.41
CA LYS A 9 -9.20 -3.76 -17.08
C LYS A 9 -10.64 -4.28 -16.98
N PHE A 10 -11.16 -4.79 -18.10
CA PHE A 10 -12.39 -5.59 -18.09
C PHE A 10 -12.38 -6.66 -17.01
N SER A 11 -13.33 -6.60 -16.09
CA SER A 11 -13.49 -7.65 -15.09
C SER A 11 -13.85 -8.98 -15.76
N ARG A 12 -14.71 -8.92 -16.77
CA ARG A 12 -15.06 -10.09 -17.56
C ARG A 12 -15.37 -9.60 -18.94
N PRO A 13 -15.61 -10.52 -19.89
CA PRO A 13 -15.71 -10.09 -21.29
C PRO A 13 -16.84 -9.11 -21.50
N LEU A 14 -16.66 -8.23 -22.48
CA LEU A 14 -17.69 -7.30 -22.87
C LEU A 14 -17.69 -7.20 -24.40
N SER A 15 -18.88 -7.16 -25.00
CA SER A 15 -19.02 -6.97 -26.44
C SER A 15 -19.21 -5.50 -26.78
N GLY A 16 -18.76 -5.12 -27.98
CA GLY A 16 -18.93 -3.76 -28.49
C GLY A 16 -20.27 -3.15 -28.15
N ASP A 17 -21.32 -3.97 -28.20
CA ASP A 17 -22.68 -3.53 -27.88
C ASP A 17 -22.79 -3.08 -26.42
N GLU A 18 -22.18 -3.82 -25.51
CA GLU A 18 -22.18 -3.42 -24.10
C GLU A 18 -21.25 -2.22 -23.92
N ILE A 19 -20.17 -2.19 -24.70
CA ILE A 19 -19.22 -1.09 -24.62
C ILE A 19 -19.90 0.20 -25.10
N GLU A 20 -20.43 0.17 -26.32
CA GLU A 20 -21.17 1.32 -26.86
C GLU A 20 -22.33 1.73 -25.92
N ALA A 21 -23.01 0.74 -25.36
CA ALA A 21 -24.13 0.97 -24.45
C ALA A 21 -23.69 1.76 -23.22
N ILE A 22 -22.53 1.42 -22.69
CA ILE A 22 -21.96 2.15 -21.57
C ILE A 22 -21.55 3.55 -22.04
N GLY A 23 -21.19 3.63 -23.33
CA GLY A 23 -20.88 4.89 -23.98
C GLY A 23 -22.07 5.84 -24.00
N ARG A 24 -23.18 5.40 -24.62
CA ARG A 24 -24.41 6.18 -24.65
C ARG A 24 -24.84 6.66 -23.25
N ILE A 25 -25.16 5.72 -22.36
CA ILE A 25 -25.59 6.08 -21.00
C ILE A 25 -24.59 7.01 -20.33
N SER A 26 -23.33 6.86 -20.70
CA SER A 26 -22.25 7.74 -20.23
C SER A 26 -22.45 9.15 -20.74
N SER A 27 -22.67 9.26 -22.05
CA SER A 27 -22.81 10.55 -22.71
C SER A 27 -23.96 11.34 -22.12
N GLN A 28 -25.10 10.67 -21.94
CA GLN A 28 -26.29 11.30 -21.40
C GLN A 28 -26.03 11.90 -20.02
N LYS A 29 -25.68 11.04 -19.06
CA LYS A 29 -25.54 11.47 -17.66
C LYS A 29 -24.46 12.53 -17.55
N ASN A 30 -23.61 12.55 -18.57
CA ASN A 30 -22.57 13.54 -18.73
C ASN A 30 -23.09 14.87 -19.27
N GLN A 31 -23.88 14.82 -20.35
CA GLN A 31 -24.49 16.02 -20.91
C GLN A 31 -25.21 16.80 -19.81
N GLN A 32 -25.94 16.07 -18.97
CA GLN A 32 -26.60 16.66 -17.81
C GLN A 32 -25.66 17.51 -16.96
N ALA A 33 -24.41 17.07 -16.80
CA ALA A 33 -23.50 17.69 -15.86
C ALA A 33 -22.44 18.61 -16.48
N ASN A 34 -22.55 18.91 -17.78
CA ASN A 34 -21.49 19.66 -18.47
C ASN A 34 -20.13 18.97 -18.34
N VAL A 35 -20.14 17.64 -18.44
CA VAL A 35 -18.90 16.88 -18.42
C VAL A 35 -18.62 16.35 -19.81
N THR A 36 -17.36 16.39 -20.19
CA THR A 36 -16.92 16.09 -21.54
C THR A 36 -15.79 15.05 -21.50
N GLY A 37 -15.49 14.40 -22.63
CA GLY A 37 -14.42 13.42 -22.61
C GLY A 37 -14.42 12.33 -23.68
N VAL A 38 -13.57 11.31 -23.47
CA VAL A 38 -13.45 10.20 -24.39
C VAL A 38 -13.28 8.89 -23.65
N LEU A 39 -13.76 7.83 -24.29
CA LEU A 39 -13.68 6.46 -23.78
C LEU A 39 -13.20 5.57 -24.91
N LEU A 40 -12.04 4.96 -24.73
CA LEU A 40 -11.54 4.04 -25.73
C LEU A 40 -11.43 2.67 -25.11
N CYS A 41 -11.37 1.66 -25.95
CA CYS A 41 -11.16 0.31 -25.46
C CYS A 41 -10.33 -0.44 -26.49
N LEU A 42 -9.45 -1.30 -25.99
CA LEU A 42 -8.54 -2.03 -26.83
C LEU A 42 -8.21 -3.31 -26.10
N ASP A 43 -8.68 -4.43 -26.65
CA ASP A 43 -8.43 -5.76 -26.08
C ASP A 43 -8.53 -5.84 -24.56
N GLY A 44 -9.71 -5.54 -24.03
CA GLY A 44 -9.99 -5.79 -22.62
C GLY A 44 -9.46 -4.72 -21.70
N ILE A 45 -9.01 -3.62 -22.29
CA ILE A 45 -8.51 -2.45 -21.57
C ILE A 45 -9.40 -1.22 -21.85
N PHE A 46 -9.79 -0.52 -20.79
CA PHE A 46 -10.46 0.79 -20.91
C PHE A 46 -9.53 1.98 -20.65
N PHE A 47 -9.57 2.95 -21.57
CA PHE A 47 -8.97 4.29 -21.38
C PHE A 47 -10.07 5.35 -21.30
N GLN A 48 -10.00 6.24 -20.33
CA GLN A 48 -10.97 7.34 -20.29
C GLN A 48 -10.37 8.66 -19.81
N ILE A 49 -10.77 9.75 -20.48
CA ILE A 49 -10.47 11.11 -20.03
C ILE A 49 -11.79 11.84 -19.73
N LEU A 50 -11.96 12.30 -18.49
CA LEU A 50 -13.16 13.06 -18.10
C LEU A 50 -12.82 14.48 -17.61
N GLU A 51 -13.58 15.47 -18.10
CA GLU A 51 -13.35 16.86 -17.74
C GLU A 51 -14.63 17.60 -17.35
N GLY A 52 -14.52 18.37 -16.27
CA GLY A 52 -15.62 19.15 -15.76
C GLY A 52 -15.31 19.71 -14.38
N GLU A 53 -16.35 19.88 -13.58
CA GLU A 53 -16.22 20.49 -12.27
C GLU A 53 -15.61 19.51 -11.28
N ALA A 54 -14.76 20.01 -10.39
CA ALA A 54 -14.06 19.17 -9.42
C ALA A 54 -15.01 18.26 -8.64
N GLU A 55 -15.98 18.86 -7.96
CA GLU A 55 -16.95 18.09 -7.17
C GLU A 55 -17.76 17.13 -8.06
N LYS A 56 -18.07 17.58 -9.29
CA LYS A 56 -18.74 16.74 -10.27
C LYS A 56 -17.86 15.55 -10.62
N ILE A 57 -16.64 15.86 -11.06
CA ILE A 57 -15.70 14.86 -11.54
C ILE A 57 -15.44 13.75 -10.53
N ASP A 58 -15.09 14.13 -9.29
CA ASP A 58 -14.85 13.15 -8.22
C ASP A 58 -16.06 12.28 -7.92
N ARG A 59 -17.25 12.80 -8.17
CA ARG A 59 -18.45 12.05 -7.85
C ARG A 59 -18.71 10.98 -8.90
N ILE A 60 -18.55 11.34 -10.18
CA ILE A 60 -18.56 10.37 -11.25
C ILE A 60 -17.51 9.28 -11.03
N TYR A 61 -16.31 9.70 -10.67
CA TYR A 61 -15.20 8.78 -10.57
C TYR A 61 -15.36 7.85 -9.36
N GLU A 62 -15.99 8.36 -8.30
CA GLU A 62 -16.29 7.52 -7.15
C GLU A 62 -17.22 6.38 -7.57
N ARG A 63 -18.13 6.68 -8.48
CA ARG A 63 -19.06 5.70 -9.03
C ARG A 63 -18.39 4.79 -10.06
N ILE A 64 -17.46 5.35 -10.83
CA ILE A 64 -16.69 4.52 -11.74
C ILE A 64 -15.81 3.53 -10.94
N LEU A 65 -15.26 3.98 -9.82
CA LEU A 65 -14.33 3.16 -9.05
C LEU A 65 -15.00 1.96 -8.40
N ALA A 66 -16.31 2.09 -8.11
CA ALA A 66 -17.03 1.01 -7.42
C ALA A 66 -17.90 0.18 -8.38
N ASP A 67 -17.83 0.51 -9.67
CA ASP A 67 -18.49 -0.27 -10.71
C ASP A 67 -17.70 -1.55 -10.99
N GLU A 68 -18.39 -2.69 -10.97
CA GLU A 68 -17.71 -4.00 -11.05
C GLU A 68 -17.56 -4.57 -12.46
N ARG A 69 -17.70 -3.75 -13.48
CA ARG A 69 -17.49 -4.22 -14.84
C ARG A 69 -16.05 -4.00 -15.32
N HIS A 70 -15.26 -3.31 -14.50
CA HIS A 70 -13.82 -3.21 -14.73
C HIS A 70 -13.06 -3.31 -13.40
N THR A 71 -11.75 -3.52 -13.47
CA THR A 71 -10.94 -3.59 -12.26
C THR A 71 -9.57 -2.97 -12.51
N ASP A 72 -8.72 -3.00 -11.49
CA ASP A 72 -7.37 -2.44 -11.62
C ASP A 72 -7.45 -1.02 -12.17
N ILE A 73 -8.36 -0.24 -11.60
CA ILE A 73 -8.55 1.13 -12.06
C ILE A 73 -7.40 1.96 -11.54
N LEU A 74 -6.69 2.57 -12.48
CA LEU A 74 -5.53 3.38 -12.15
C LEU A 74 -5.65 4.74 -12.78
N CYS A 75 -5.55 5.77 -11.95
CA CYS A 75 -5.49 7.13 -12.43
C CYS A 75 -4.10 7.43 -12.98
N LEU A 76 -4.02 7.74 -14.29
CA LEU A 76 -2.76 8.04 -14.95
C LEU A 76 -2.38 9.48 -14.73
N LYS A 77 -3.39 10.34 -14.66
CA LYS A 77 -3.18 11.77 -14.51
C LYS A 77 -4.40 12.47 -13.91
N SER A 78 -4.13 13.39 -13.00
CA SER A 78 -5.18 14.24 -12.46
C SER A 78 -4.78 15.69 -12.59
N GLU A 79 -5.46 16.43 -13.45
CA GLU A 79 -5.26 17.88 -13.52
C GLU A 79 -6.37 18.63 -12.79
N VAL A 80 -5.99 19.42 -11.78
CA VAL A 80 -6.99 20.11 -10.96
C VAL A 80 -7.12 21.60 -11.27
N GLU A 81 -6.25 22.12 -12.12
CA GLU A 81 -6.22 23.56 -12.38
C GLU A 81 -6.64 23.89 -13.81
N VAL A 82 -7.45 23.03 -14.40
CA VAL A 82 -7.75 23.15 -15.81
C VAL A 82 -8.62 24.37 -16.08
N GLN A 83 -8.36 25.05 -17.19
CA GLN A 83 -9.19 26.21 -17.54
C GLN A 83 -9.74 26.01 -18.94
N GLU A 84 -9.15 25.05 -19.64
CA GLU A 84 -9.46 24.78 -21.04
C GLU A 84 -10.02 23.37 -21.13
N ARG A 85 -10.78 23.05 -22.17
CA ARG A 85 -11.18 21.66 -22.30
C ARG A 85 -10.72 21.13 -23.66
N MET A 86 -10.27 19.88 -23.65
CA MET A 86 -9.70 19.26 -24.82
C MET A 86 -10.76 18.59 -25.65
N PHE A 87 -11.88 18.26 -25.00
CA PHE A 87 -12.94 17.54 -25.69
C PHE A 87 -14.27 18.22 -25.51
N PRO A 88 -14.35 19.48 -25.94
CA PRO A 88 -15.54 20.34 -25.80
C PRO A 88 -16.72 19.74 -26.55
N ASP A 89 -16.38 19.02 -27.62
CA ASP A 89 -17.33 18.47 -28.58
C ASP A 89 -18.09 17.22 -28.13
N TRP A 90 -17.55 16.46 -27.18
CA TRP A 90 -18.18 15.20 -26.80
C TRP A 90 -18.43 15.09 -25.32
N SER A 91 -19.69 14.88 -24.96
CA SER A 91 -20.07 14.59 -23.58
C SER A 91 -19.48 13.25 -23.13
N MET A 92 -19.35 12.31 -24.06
CA MET A 92 -18.62 11.06 -23.84
C MET A 92 -18.51 10.23 -25.12
N GLN A 93 -17.73 10.70 -26.10
CA GLN A 93 -17.46 9.93 -27.32
C GLN A 93 -16.77 8.63 -26.97
N THR A 94 -17.14 7.55 -27.66
CA THR A 94 -16.52 6.27 -27.36
C THR A 94 -15.91 5.69 -28.61
N ILE A 95 -14.69 5.20 -28.49
CA ILE A 95 -13.96 4.72 -29.63
C ILE A 95 -13.41 3.32 -29.33
N ASN A 96 -14.04 2.33 -29.93
CA ASN A 96 -13.65 0.94 -29.80
C ASN A 96 -12.59 0.59 -30.83
N LEU A 97 -11.33 0.56 -30.41
CA LEU A 97 -10.23 0.33 -31.35
C LEU A 97 -10.15 -1.15 -31.81
N ASP A 98 -10.69 -2.05 -31.00
CA ASP A 98 -10.77 -3.47 -31.37
C ASP A 98 -11.37 -3.65 -32.77
N GLU A 99 -12.51 -3.01 -33.00
CA GLU A 99 -13.21 -3.06 -34.29
C GLU A 99 -12.50 -2.27 -35.39
N ASN A 100 -11.77 -1.22 -35.03
CA ASN A 100 -11.12 -0.36 -36.01
C ASN A 100 -10.20 -1.15 -36.92
N THR A 101 -10.26 -0.85 -38.21
CA THR A 101 -9.40 -1.50 -39.19
C THR A 101 -8.52 -0.49 -39.92
N ASP A 102 -8.78 0.80 -39.69
CA ASP A 102 -8.07 1.90 -40.35
C ASP A 102 -6.56 1.71 -40.38
N PHE A 103 -5.95 2.08 -41.50
CA PHE A 103 -4.57 1.75 -41.84
C PHE A 103 -3.51 2.25 -40.85
N LEU A 104 -3.75 3.40 -40.21
CA LEU A 104 -2.77 3.99 -39.30
C LEU A 104 -3.15 3.74 -37.84
N ILE A 105 -4.43 3.59 -37.56
CA ILE A 105 -4.84 3.24 -36.22
C ILE A 105 -4.30 1.84 -35.87
N ARG A 106 -4.05 1.03 -36.90
CA ARG A 106 -3.54 -0.33 -36.72
C ARG A 106 -2.16 -0.38 -36.04
N PRO A 107 -1.14 0.25 -36.64
CA PRO A 107 0.15 0.28 -35.92
C PRO A 107 0.06 0.97 -34.56
N ILE A 108 -0.92 1.85 -34.41
CA ILE A 108 -1.14 2.57 -33.17
C ILE A 108 -1.79 1.67 -32.10
N LYS A 109 -2.55 0.68 -32.55
CA LYS A 109 -3.20 -0.27 -31.62
C LYS A 109 -2.18 -1.16 -30.93
N VAL A 110 -1.17 -1.59 -31.66
CA VAL A 110 -0.20 -2.50 -31.09
C VAL A 110 0.80 -1.76 -30.22
N LEU A 111 0.95 -0.45 -30.45
CA LEU A 111 1.80 0.36 -29.61
C LEU A 111 1.14 0.56 -28.27
N LEU A 112 -0.09 1.06 -28.31
CA LEU A 112 -0.93 1.20 -27.12
C LEU A 112 -0.94 -0.04 -26.23
N GLN A 113 -1.05 -1.21 -26.86
CA GLN A 113 -1.20 -2.45 -26.14
C GLN A 113 0.11 -2.77 -25.46
N THR A 114 1.20 -2.51 -26.15
CA THR A 114 2.51 -2.83 -25.63
C THR A 114 2.92 -1.83 -24.53
N LEU A 115 2.73 -0.54 -24.78
CA LEU A 115 2.88 0.51 -23.79
C LEU A 115 2.09 0.22 -22.51
N THR A 116 0.86 -0.23 -22.69
CA THR A 116 -0.03 -0.51 -21.57
C THR A 116 0.36 -1.72 -20.71
N GLU A 117 0.61 -2.89 -21.31
CA GLU A 117 1.01 -4.07 -20.51
C GLU A 117 2.32 -3.80 -19.83
N SER A 118 3.17 -3.02 -20.48
CA SER A 118 4.45 -2.62 -19.90
C SER A 118 4.23 -1.76 -18.66
N HIS A 119 3.30 -0.82 -18.79
CA HIS A 119 2.98 0.09 -17.71
C HIS A 119 2.40 -0.72 -16.55
N ARG A 120 1.59 -1.71 -16.91
CA ARG A 120 0.99 -2.63 -15.96
C ARG A 120 2.04 -3.41 -15.17
N ILE A 121 3.07 -3.85 -15.86
CA ILE A 121 4.17 -4.51 -15.20
C ILE A 121 4.82 -3.59 -14.16
N LEU A 122 5.19 -2.38 -14.58
CA LEU A 122 5.86 -1.42 -13.69
C LEU A 122 4.99 -1.05 -12.50
N GLU A 123 3.69 -0.96 -12.70
CA GLU A 123 2.78 -0.70 -11.59
C GLU A 123 3.05 -1.66 -10.44
N LYS A 124 3.29 -2.94 -10.77
CA LYS A 124 3.43 -3.98 -9.76
C LYS A 124 4.66 -3.78 -8.93
N TYR A 125 5.65 -3.09 -9.49
CA TYR A 125 6.92 -2.85 -8.81
C TYR A 125 6.97 -1.47 -8.17
N THR A 126 5.86 -0.76 -8.21
CA THR A 126 5.87 0.63 -7.81
C THR A 126 5.20 0.80 -6.46
N GLN A 127 5.86 1.56 -5.58
CA GLN A 127 5.31 1.99 -4.28
C GLN A 127 3.92 2.56 -4.44
N PRO A 128 3.04 2.24 -3.48
CA PRO A 128 1.66 2.73 -3.42
C PRO A 128 1.56 4.25 -3.35
N SER A 129 2.47 4.88 -2.63
CA SER A 129 2.37 6.31 -2.40
C SER A 129 2.51 7.08 -3.72
N ILE A 130 3.19 6.50 -4.70
CA ILE A 130 3.39 7.19 -5.96
C ILE A 130 2.08 7.42 -6.71
N PHE A 131 1.18 6.43 -6.66
CA PHE A 131 -0.10 6.54 -7.37
C PHE A 131 -1.08 7.40 -6.59
N LYS A 132 -1.02 7.32 -5.27
CA LYS A 132 -1.76 8.25 -4.41
C LYS A 132 -1.41 9.68 -4.84
N ILE A 133 -0.14 10.05 -4.68
CA ILE A 133 0.33 11.37 -5.06
C ILE A 133 -0.14 11.78 -6.47
N ILE A 134 0.05 10.89 -7.45
CA ILE A 134 -0.46 11.15 -8.81
C ILE A 134 -1.97 11.43 -8.85
N SER A 135 -2.75 10.60 -8.17
CA SER A 135 -4.22 10.80 -8.13
C SER A 135 -4.63 12.08 -7.41
N GLN A 136 -3.80 12.57 -6.49
CA GLN A 136 -4.01 13.88 -5.86
C GLN A 136 -3.54 15.04 -6.75
N GLY A 137 -3.13 14.73 -7.97
CA GLY A 137 -2.82 15.78 -8.92
C GLY A 137 -1.44 16.36 -8.87
N THR A 138 -0.48 15.61 -8.33
CA THR A 138 0.92 16.02 -8.33
C THR A 138 1.87 15.02 -9.03
N ASN A 139 2.90 15.56 -9.70
CA ASN A 139 3.97 14.71 -10.20
C ASN A 139 4.98 14.43 -9.09
N PRO A 140 5.06 13.17 -8.63
CA PRO A 140 5.95 12.76 -7.53
C PRO A 140 7.40 13.25 -7.65
N LEU A 141 7.90 13.30 -8.88
CA LEU A 141 9.28 13.70 -9.14
C LEU A 141 9.56 15.18 -8.84
N ASN A 142 8.50 15.97 -8.66
CA ASN A 142 8.67 17.41 -8.47
C ASN A 142 8.49 17.83 -7.02
N ILE A 143 8.27 16.87 -6.13
CA ILE A 143 8.07 17.16 -4.72
C ILE A 143 9.41 17.42 -4.05
N ARG A 144 9.55 18.58 -3.41
CA ARG A 144 10.79 18.88 -2.72
C ARG A 144 10.86 18.18 -1.38
N PRO A 145 12.07 17.84 -0.94
CA PRO A 145 12.25 17.23 0.39
C PRO A 145 11.77 18.16 1.52
N LYS A 146 11.23 17.57 2.57
CA LYS A 146 10.62 18.33 3.65
C LYS A 146 10.76 17.58 4.97
N ALA A 147 10.83 18.34 6.06
CA ALA A 147 10.91 17.76 7.38
C ALA A 147 9.49 17.58 7.87
N VAL A 148 9.22 16.42 8.45
CA VAL A 148 7.88 16.08 8.90
C VAL A 148 7.97 15.16 10.09
N GLU A 149 7.02 15.26 11.00
CA GLU A 149 6.95 14.28 12.07
C GLU A 149 6.23 13.04 11.60
N LYS A 150 6.75 11.87 11.97
CA LYS A 150 6.11 10.60 11.61
C LYS A 150 6.18 9.58 12.74
N ILE A 151 5.21 8.68 12.77
CA ILE A 151 5.38 7.45 13.50
C ILE A 151 5.90 6.47 12.50
N VAL A 152 7.04 5.86 12.80
CA VAL A 152 7.64 4.86 11.93
C VAL A 152 7.29 3.48 12.46
N PHE A 153 6.83 2.60 11.57
CA PHE A 153 6.52 1.22 11.93
C PHE A 153 7.58 0.30 11.35
N PHE A 154 8.09 -0.63 12.14
CA PHE A 154 9.05 -1.64 11.64
C PHE A 154 8.66 -3.05 12.13
N SER A 155 8.59 -4.03 11.21
CA SER A 155 8.21 -5.38 11.63
C SER A 155 8.93 -6.47 10.86
N ASP A 156 9.10 -7.64 11.48
CA ASP A 156 9.72 -8.74 10.77
C ASP A 156 9.18 -10.05 11.30
N ILE A 157 9.57 -11.15 10.64
CA ILE A 157 9.11 -12.49 10.99
C ILE A 157 10.01 -13.15 12.06
N VAL A 158 9.44 -13.65 13.15
CA VAL A 158 10.28 -14.31 14.14
C VAL A 158 10.89 -15.63 13.66
N SER A 159 12.20 -15.78 13.85
CA SER A 159 12.99 -16.93 13.38
C SER A 159 12.90 -17.16 11.88
N PHE A 160 12.91 -16.07 11.11
CA PHE A 160 12.78 -16.23 9.68
C PHE A 160 13.87 -17.10 9.03
N SER A 161 15.02 -17.22 9.68
CA SER A 161 16.12 -17.98 9.10
C SER A 161 15.81 -19.47 9.16
N THR A 162 15.08 -19.89 10.18
CA THR A 162 14.63 -21.28 10.23
C THR A 162 13.78 -21.62 9.01
N PHE A 163 12.88 -20.72 8.63
CA PHE A 163 12.08 -20.88 7.41
C PHE A 163 12.94 -21.12 6.17
N ALA A 164 13.86 -20.20 5.92
CA ALA A 164 14.66 -20.23 4.70
C ALA A 164 15.65 -21.38 4.76
N GLU A 165 15.97 -21.83 5.97
CA GLU A 165 16.74 -23.05 6.16
C GLU A 165 15.99 -24.30 5.72
N LYS A 166 14.77 -24.46 6.25
CA LYS A 166 14.09 -25.72 6.15
C LYS A 166 13.20 -25.88 4.93
N LEU A 167 12.66 -24.78 4.41
CA LEU A 167 11.60 -24.82 3.41
C LEU A 167 12.12 -24.66 1.99
N PRO A 168 11.46 -25.31 1.02
CA PRO A 168 11.80 -25.06 -0.37
C PRO A 168 11.67 -23.57 -0.71
N VAL A 169 12.38 -23.06 -1.72
CA VAL A 169 12.35 -21.63 -2.03
C VAL A 169 10.92 -21.12 -2.30
N GLU A 170 10.09 -21.92 -2.96
CA GLU A 170 8.73 -21.49 -3.28
C GLU A 170 7.90 -21.34 -2.01
N GLU A 171 8.08 -22.23 -1.05
CA GLU A 171 7.38 -22.05 0.19
C GLU A 171 7.93 -20.84 0.96
N VAL A 172 9.22 -20.54 0.84
CA VAL A 172 9.77 -19.45 1.64
C VAL A 172 9.21 -18.14 1.14
N VAL A 173 9.25 -17.98 -0.17
CA VAL A 173 8.71 -16.79 -0.78
C VAL A 173 7.22 -16.67 -0.51
N SER A 174 6.50 -17.77 -0.64
CA SER A 174 5.08 -17.78 -0.37
C SER A 174 4.80 -17.25 1.04
N VAL A 175 5.56 -17.73 2.02
CA VAL A 175 5.38 -17.34 3.40
C VAL A 175 5.67 -15.86 3.62
N VAL A 176 6.77 -15.39 3.04
CA VAL A 176 7.13 -13.98 3.21
C VAL A 176 6.09 -13.09 2.55
N ASN A 177 5.64 -13.46 1.36
CA ASN A 177 4.69 -12.62 0.64
C ASN A 177 3.33 -12.56 1.34
N SER A 178 2.97 -13.65 2.02
CA SER A 178 1.75 -13.70 2.80
C SER A 178 1.82 -12.70 3.94
N TYR A 179 2.91 -12.78 4.66
CA TYR A 179 3.25 -11.82 5.69
C TYR A 179 3.13 -10.38 5.21
N PHE A 180 3.82 -10.09 4.11
CA PHE A 180 3.89 -8.74 3.56
C PHE A 180 2.51 -8.23 3.09
N SER A 181 1.68 -9.13 2.58
CA SER A 181 0.31 -8.77 2.23
C SER A 181 -0.50 -8.44 3.45
N VAL A 182 -0.37 -9.23 4.50
CA VAL A 182 -1.15 -8.95 5.69
C VAL A 182 -0.81 -7.58 6.26
N CYS A 183 0.48 -7.27 6.36
CA CYS A 183 0.88 -6.00 6.94
C CYS A 183 0.43 -4.83 6.05
N THR A 184 0.66 -4.96 4.76
CA THR A 184 0.38 -3.86 3.85
C THR A 184 -1.10 -3.51 3.82
N ALA A 185 -1.98 -4.51 3.79
CA ALA A 185 -3.40 -4.21 3.76
C ALA A 185 -3.77 -3.42 5.00
N ILE A 186 -3.43 -3.96 6.17
CA ILE A 186 -3.86 -3.33 7.42
C ILE A 186 -3.24 -1.98 7.61
N ILE A 187 -1.93 -1.83 7.32
CA ILE A 187 -1.30 -0.52 7.44
C ILE A 187 -1.98 0.52 6.53
N THR A 188 -2.36 0.12 5.33
CA THR A 188 -2.97 1.05 4.38
C THR A 188 -4.37 1.49 4.81
N ARG A 189 -5.18 0.54 5.28
CA ARG A 189 -6.54 0.88 5.68
C ARG A 189 -6.53 1.82 6.88
N GLN A 190 -5.52 1.68 7.73
CA GLN A 190 -5.36 2.50 8.92
C GLN A 190 -4.69 3.85 8.63
N GLY A 191 -4.49 4.16 7.35
CA GLY A 191 -4.02 5.47 6.95
C GLY A 191 -2.53 5.64 6.77
N GLY A 192 -1.78 4.58 7.04
CA GLY A 192 -0.34 4.60 6.86
C GLY A 192 0.14 4.19 5.48
N GLU A 193 1.46 4.16 5.34
CA GLU A 193 2.09 3.91 4.06
C GLU A 193 3.21 2.88 4.23
N VAL A 194 3.13 1.75 3.55
CA VAL A 194 4.28 0.83 3.55
C VAL A 194 5.25 1.36 2.54
N THR A 195 6.48 1.61 2.97
CA THR A 195 7.41 2.35 2.15
C THR A 195 8.53 1.47 1.64
N LYS A 196 8.90 0.44 2.40
CA LYS A 196 10.00 -0.40 1.97
C LYS A 196 9.91 -1.83 2.55
N PHE A 197 10.28 -2.83 1.76
CA PHE A 197 10.54 -4.15 2.34
C PHE A 197 12.04 -4.38 2.27
N ILE A 198 12.64 -4.97 3.30
CA ILE A 198 14.04 -5.35 3.25
C ILE A 198 14.23 -6.71 3.96
N GLY A 199 14.79 -7.68 3.28
CA GLY A 199 14.70 -9.04 3.77
C GLY A 199 13.25 -9.39 4.04
N ASP A 200 12.99 -9.82 5.26
CA ASP A 200 11.64 -10.10 5.69
C ASP A 200 11.09 -8.96 6.58
N CYS A 201 11.70 -7.77 6.49
CA CYS A 201 11.28 -6.64 7.29
C CYS A 201 10.39 -5.67 6.54
N VAL A 202 9.34 -5.20 7.22
CA VAL A 202 8.47 -4.17 6.69
C VAL A 202 8.81 -2.85 7.36
N MET A 203 8.86 -1.77 6.58
CA MET A 203 9.00 -0.45 7.15
C MET A 203 7.83 0.39 6.66
N ALA A 204 7.22 1.15 7.56
CA ALA A 204 6.06 1.93 7.19
C ALA A 204 6.04 3.18 8.05
N TYR A 205 5.13 4.09 7.73
CA TYR A 205 4.98 5.28 8.55
C TYR A 205 3.55 5.81 8.44
N PHE A 206 3.20 6.54 9.49
CA PHE A 206 1.92 7.21 9.64
C PHE A 206 2.22 8.68 9.96
N ASP A 207 1.25 9.57 9.74
CA ASP A 207 1.40 10.98 10.11
C ASP A 207 1.68 11.12 11.60
N GLY A 208 2.41 12.18 11.97
CA GLY A 208 2.87 12.36 13.34
C GLY A 208 1.80 12.39 14.41
N ASP A 209 0.58 12.77 14.04
CA ASP A 209 -0.49 12.84 15.02
C ASP A 209 -1.40 11.62 14.92
N CYS A 210 -0.83 10.49 14.53
CA CYS A 210 -1.62 9.27 14.37
C CYS A 210 -1.08 8.07 15.14
N ALA A 211 -0.58 8.29 16.36
CA ALA A 211 -0.06 7.21 17.20
C ALA A 211 -1.14 6.13 17.40
N ASP A 212 -2.36 6.57 17.64
CA ASP A 212 -3.47 5.64 17.86
C ASP A 212 -3.69 4.72 16.66
N GLN A 213 -3.55 5.25 15.44
CA GLN A 213 -3.70 4.46 14.21
C GLN A 213 -2.52 3.50 14.03
N ALA A 214 -1.34 3.97 14.37
CA ALA A 214 -0.14 3.14 14.34
C ALA A 214 -0.30 1.93 15.25
N ILE A 215 -0.78 2.17 16.47
CA ILE A 215 -0.91 1.14 17.48
C ILE A 215 -1.99 0.15 17.10
N GLN A 216 -3.09 0.68 16.59
CA GLN A 216 -4.20 -0.13 16.18
C GLN A 216 -3.89 -0.97 14.97
N ALA A 217 -3.13 -0.40 14.03
CA ALA A 217 -2.77 -1.14 12.84
C ALA A 217 -1.93 -2.34 13.24
N SER A 218 -1.09 -2.11 14.24
CA SER A 218 -0.20 -3.12 14.75
C SER A 218 -0.98 -4.20 15.51
N LEU A 219 -1.86 -3.81 16.40
CA LEU A 219 -2.70 -4.79 17.07
C LEU A 219 -3.52 -5.61 16.08
N ASP A 220 -4.03 -4.94 15.04
CA ASP A 220 -4.77 -5.60 13.98
C ASP A 220 -3.91 -6.62 13.22
N ILE A 221 -2.66 -6.25 12.93
CA ILE A 221 -1.75 -7.21 12.30
C ILE A 221 -1.57 -8.48 13.16
N LEU A 222 -1.31 -8.29 14.45
CA LEU A 222 -1.15 -9.42 15.37
C LEU A 222 -2.36 -10.32 15.34
N MET A 223 -3.53 -9.68 15.26
CA MET A 223 -4.80 -10.36 15.17
C MET A 223 -4.99 -11.06 13.85
N GLU A 224 -4.60 -10.39 12.78
CA GLU A 224 -4.74 -11.04 11.50
C GLU A 224 -3.87 -12.28 11.44
N LEU A 225 -2.61 -12.16 11.88
CA LEU A 225 -1.69 -13.30 11.86
C LEU A 225 -2.21 -14.45 12.72
N GLU A 226 -2.79 -14.14 13.87
CA GLU A 226 -3.42 -15.16 14.69
C GLU A 226 -4.52 -15.90 13.95
N ILE A 227 -5.40 -15.19 13.25
CA ILE A 227 -6.40 -15.82 12.39
C ILE A 227 -5.72 -16.71 11.33
N LEU A 228 -4.66 -16.20 10.73
CA LEU A 228 -3.95 -16.92 9.67
C LEU A 228 -3.28 -18.20 10.17
N ARG A 229 -2.61 -18.12 11.32
CA ARG A 229 -2.01 -19.30 11.93
C ARG A 229 -3.06 -20.36 12.25
N ASN A 230 -4.03 -19.99 13.06
CA ASN A 230 -5.00 -21.00 13.48
C ASN A 230 -5.92 -21.46 12.34
N SER A 231 -5.89 -20.77 11.21
CA SER A 231 -6.69 -21.15 10.05
C SER A 231 -5.95 -22.02 9.01
N ALA A 232 -4.64 -22.15 9.16
CA ALA A 232 -3.83 -22.78 8.11
C ALA A 232 -3.88 -24.31 8.17
N PRO A 233 -3.69 -24.95 7.00
CA PRO A 233 -3.68 -26.41 6.87
C PRO A 233 -2.73 -27.04 7.86
N GLU A 234 -2.97 -28.31 8.15
CA GLU A 234 -2.12 -29.05 9.06
C GLU A 234 -0.74 -29.17 8.43
N GLY A 235 0.30 -28.92 9.22
CA GLY A 235 1.67 -28.99 8.75
C GLY A 235 2.16 -27.73 8.04
N SER A 236 1.24 -26.85 7.69
CA SER A 236 1.56 -25.57 7.03
C SER A 236 2.67 -24.79 7.74
N PRO A 237 3.58 -24.21 6.94
CA PRO A 237 4.57 -23.24 7.45
C PRO A 237 3.83 -22.12 8.17
N LEU A 238 2.68 -21.77 7.61
CA LEU A 238 1.90 -20.66 8.13
C LEU A 238 1.53 -20.77 9.62
N ARG A 239 1.45 -21.99 10.16
CA ARG A 239 0.89 -22.15 11.52
C ARG A 239 1.90 -21.70 12.56
N VAL A 240 3.12 -21.42 12.14
CA VAL A 240 4.09 -20.88 13.09
C VAL A 240 4.68 -19.56 12.58
N LEU A 241 3.87 -18.81 11.82
CA LEU A 241 4.24 -17.45 11.41
C LEU A 241 3.93 -16.39 12.50
N TYR A 242 5.00 -15.79 13.01
CA TYR A 242 4.90 -14.80 14.08
C TYR A 242 5.70 -13.54 13.77
N SER A 243 5.20 -12.40 14.22
CA SER A 243 5.83 -11.11 13.95
C SER A 243 6.19 -10.35 15.22
N GLY A 244 7.20 -9.51 15.11
CA GLY A 244 7.56 -8.59 16.16
C GLY A 244 7.41 -7.23 15.52
N ILE A 245 6.92 -6.26 16.28
CA ILE A 245 6.66 -4.93 15.74
C ILE A 245 7.29 -3.84 16.62
N GLY A 246 7.86 -2.83 15.97
CA GLY A 246 8.48 -1.73 16.69
C GLY A 246 8.07 -0.37 16.18
N LEU A 247 7.59 0.47 17.10
CA LEU A 247 7.07 1.80 16.78
C LEU A 247 7.93 2.90 17.39
N ALA A 248 8.26 3.91 16.59
CA ALA A 248 8.99 5.05 17.12
C ALA A 248 8.42 6.31 16.53
N LYS A 249 8.85 7.46 17.03
CA LYS A 249 8.28 8.72 16.54
C LYS A 249 9.35 9.77 16.49
N GLY A 250 9.30 10.63 15.49
CA GLY A 250 10.38 11.58 15.34
C GLY A 250 10.19 12.41 14.10
N LYS A 251 11.01 13.45 13.98
CA LYS A 251 11.06 14.28 12.79
C LYS A 251 11.99 13.63 11.77
N VAL A 252 11.50 13.51 10.55
CA VAL A 252 12.22 12.80 9.52
C VAL A 252 12.17 13.62 8.24
N ILE A 253 12.97 13.24 7.26
CA ILE A 253 12.94 13.92 5.98
C ILE A 253 12.11 13.03 5.08
N GLU A 254 11.16 13.62 4.38
CA GLU A 254 10.36 12.89 3.41
C GLU A 254 10.67 13.39 1.99
N GLY A 255 10.95 12.48 1.07
CA GLY A 255 11.21 12.91 -0.30
C GLY A 255 11.86 11.89 -1.20
N ASN A 256 12.24 12.33 -2.40
CA ASN A 256 12.85 11.47 -3.41
C ASN A 256 14.32 11.19 -3.13
N ILE A 257 14.58 9.99 -2.63
CA ILE A 257 15.92 9.59 -2.24
C ILE A 257 16.37 8.45 -3.14
N GLY A 258 17.52 8.61 -3.79
CA GLY A 258 18.02 7.57 -4.65
C GLY A 258 19.14 8.00 -5.58
N SER A 259 19.61 7.05 -6.41
CA SER A 259 20.54 7.36 -7.50
C SER A 259 19.82 8.10 -8.61
N GLU A 260 20.55 8.43 -9.68
CA GLU A 260 20.00 9.18 -10.79
C GLU A 260 18.86 8.43 -11.48
N LEU A 261 19.07 7.14 -11.70
CA LEU A 261 18.14 6.41 -12.53
C LEU A 261 17.10 5.65 -11.72
N LYS A 262 17.14 5.77 -10.39
CA LYS A 262 16.18 5.00 -9.58
C LYS A 262 16.01 5.55 -8.17
N ARG A 263 14.79 5.94 -7.84
CA ARG A 263 14.50 6.61 -6.58
C ARG A 263 13.32 5.99 -5.86
N ASP A 264 13.24 6.23 -4.56
CA ASP A 264 12.07 5.88 -3.79
C ASP A 264 11.56 7.18 -3.20
N TYR A 265 10.25 7.37 -3.22
CA TYR A 265 9.67 8.44 -2.45
C TYR A 265 9.47 7.92 -1.04
N THR A 266 10.33 8.34 -0.12
CA THR A 266 10.42 7.65 1.16
C THR A 266 10.86 8.59 2.28
N ILE A 267 11.12 8.02 3.45
CA ILE A 267 11.63 8.80 4.57
C ILE A 267 13.02 8.32 5.00
N LEU A 268 13.62 9.13 5.86
CA LEU A 268 15.03 9.04 6.19
C LEU A 268 15.19 9.83 7.49
N GLY A 269 15.59 9.17 8.57
CA GLY A 269 15.77 9.88 9.82
C GLY A 269 16.03 8.97 10.98
N ASP A 270 16.36 9.58 12.12
CA ASP A 270 16.66 8.88 13.37
C ASP A 270 15.53 7.97 13.82
N ALA A 271 14.29 8.38 13.61
CA ALA A 271 13.13 7.57 14.01
C ALA A 271 13.07 6.23 13.26
N VAL A 272 13.65 6.18 12.06
CA VAL A 272 13.67 4.96 11.28
C VAL A 272 14.59 3.97 11.94
N ASN A 273 15.75 4.47 12.36
CA ASN A 273 16.72 3.67 13.10
C ASN A 273 16.16 3.21 14.44
N VAL A 274 15.50 4.13 15.14
CA VAL A 274 14.99 3.84 16.47
C VAL A 274 13.94 2.73 16.40
N ALA A 275 13.05 2.81 15.41
CA ALA A 275 11.98 1.81 15.28
C ALA A 275 12.55 0.43 14.97
N ALA A 276 13.54 0.38 14.10
CA ALA A 276 14.21 -0.88 13.79
C ALA A 276 14.87 -1.48 15.03
N ARG A 277 15.58 -0.65 15.80
CA ARG A 277 16.24 -1.11 17.00
C ARG A 277 15.23 -1.63 18.00
N LEU A 278 14.09 -0.95 18.06
CA LEU A 278 13.02 -1.31 19.00
C LEU A 278 12.43 -2.66 18.64
N GLU A 279 12.22 -2.87 17.35
CA GLU A 279 11.68 -4.13 16.88
C GLU A 279 12.61 -5.29 17.19
N ALA A 280 13.91 -5.04 17.13
CA ALA A 280 14.89 -6.09 17.37
C ALA A 280 14.90 -6.55 18.83
N LEU A 281 14.53 -5.66 19.75
CA LEU A 281 14.46 -5.99 21.18
C LEU A 281 13.22 -6.80 21.59
N THR A 282 12.37 -7.17 20.62
CA THR A 282 11.12 -7.82 20.99
C THR A 282 11.40 -9.23 21.49
N ARG A 283 12.44 -9.85 20.94
CA ARG A 283 12.92 -11.12 21.47
C ARG A 283 13.35 -10.99 22.93
N GLN A 284 14.41 -10.20 23.19
CA GLN A 284 14.87 -9.96 24.57
C GLN A 284 13.76 -9.63 25.52
N LEU A 285 12.84 -8.79 25.09
CA LEU A 285 11.85 -8.21 25.98
C LEU A 285 10.62 -9.11 26.12
N SER A 286 10.56 -10.14 25.27
CA SER A 286 9.41 -11.05 25.18
C SER A 286 8.10 -10.28 25.02
N GLN A 287 8.13 -9.30 24.12
CA GLN A 287 6.95 -8.51 23.79
C GLN A 287 6.83 -8.40 22.29
N ALA A 288 5.76 -8.94 21.73
CA ALA A 288 5.59 -8.93 20.29
C ALA A 288 5.61 -7.51 19.72
N LEU A 289 5.12 -6.56 20.50
CA LEU A 289 5.01 -5.18 20.06
C LEU A 289 5.67 -4.24 21.06
N VAL A 290 6.70 -3.53 20.64
CA VAL A 290 7.38 -2.59 21.53
C VAL A 290 7.40 -1.20 20.88
N PHE A 291 7.18 -0.15 21.67
CA PHE A 291 7.25 1.19 21.12
C PHE A 291 7.80 2.18 22.12
N SER A 292 8.23 3.31 21.60
CA SER A 292 8.93 4.29 22.43
C SER A 292 7.97 5.08 23.30
N SER A 293 8.57 5.75 24.28
CA SER A 293 7.86 6.63 25.19
C SER A 293 7.07 7.66 24.41
N GLU A 294 7.66 8.21 23.36
CA GLU A 294 7.03 9.30 22.61
C GLU A 294 5.79 8.83 21.86
N VAL A 295 5.85 7.63 21.29
CA VAL A 295 4.67 7.04 20.69
C VAL A 295 3.60 6.91 21.76
N LYS A 296 3.97 6.40 22.93
CA LYS A 296 3.00 6.26 24.02
C LYS A 296 2.31 7.58 24.36
N ASN A 297 3.12 8.60 24.67
CA ASN A 297 2.55 9.84 25.19
C ASN A 297 1.82 10.60 24.11
N SER A 298 2.23 10.40 22.87
CA SER A 298 1.56 11.02 21.74
C SER A 298 0.22 10.35 21.47
N ALA A 299 0.05 9.13 21.95
CA ALA A 299 -1.23 8.44 21.86
C ALA A 299 -2.30 9.16 22.70
N THR A 300 -3.54 9.14 22.23
CA THR A 300 -4.59 9.83 22.96
C THR A 300 -5.73 8.90 23.38
N LYS A 301 -5.62 7.62 23.07
CA LYS A 301 -6.65 6.69 23.47
C LYS A 301 -6.27 5.99 24.77
N SER A 302 -7.24 5.29 25.34
CA SER A 302 -7.10 4.62 26.63
C SER A 302 -6.41 3.27 26.51
N TRP A 303 -5.26 3.22 25.84
CA TRP A 303 -4.58 1.96 25.65
C TRP A 303 -4.09 1.44 26.99
N ASN A 304 -3.89 0.12 27.09
CA ASN A 304 -3.43 -0.45 28.34
C ASN A 304 -1.92 -0.56 28.36
N PHE A 305 -1.26 0.59 28.37
CA PHE A 305 0.17 0.65 28.35
C PHE A 305 0.82 -0.13 29.50
N ILE A 306 1.90 -0.83 29.19
CA ILE A 306 2.75 -1.43 30.21
C ILE A 306 4.20 -0.97 29.98
N TRP A 307 4.82 -0.40 31.01
CA TRP A 307 6.23 -0.03 30.95
C TRP A 307 7.08 -1.29 30.91
N LEU A 308 7.97 -1.39 29.93
CA LEU A 308 8.75 -2.61 29.76
C LEU A 308 10.10 -2.49 30.39
N THR A 309 10.83 -1.46 29.99
CA THR A 309 12.20 -1.33 30.39
C THR A 309 12.73 0.07 30.18
N ASP A 310 13.92 0.29 30.70
CA ASP A 310 14.70 1.47 30.43
C ASP A 310 15.91 1.00 29.63
N SER A 311 15.98 1.35 28.34
CA SER A 311 16.98 0.72 27.48
C SER A 311 17.92 1.70 26.79
N GLU A 312 19.10 1.20 26.42
CA GLU A 312 20.12 2.03 25.78
C GLU A 312 20.30 1.62 24.32
N LEU A 313 20.83 2.54 23.51
CA LEU A 313 21.28 2.28 22.13
C LEU A 313 21.68 3.60 21.46
N LYS A 314 21.82 3.57 20.13
CA LYS A 314 22.21 4.76 19.36
C LYS A 314 23.69 5.08 19.68
N GLY A 315 24.14 6.34 19.78
CA GLY A 315 23.39 7.57 19.60
C GLY A 315 23.86 8.67 20.54
N LYS A 316 22.92 9.24 21.30
CA LYS A 316 23.21 10.36 22.18
C LYS A 316 23.47 9.92 23.64
N SER A 317 23.45 8.60 23.88
CA SER A 317 23.82 8.00 25.17
C SER A 317 22.73 8.05 26.23
N GLU A 318 21.53 8.55 25.85
CA GLU A 318 20.41 8.64 26.78
C GLU A 318 19.51 7.40 26.72
N SER A 319 19.16 6.90 27.90
CA SER A 319 18.28 5.74 28.00
C SER A 319 16.86 6.10 27.56
N ILE A 320 16.26 5.22 26.77
CA ILE A 320 14.89 5.43 26.28
C ILE A 320 13.92 4.45 26.94
N ASP A 321 12.79 4.97 27.42
CA ASP A 321 11.80 4.14 28.09
C ASP A 321 10.96 3.41 27.05
N ILE A 322 10.79 2.11 27.24
CA ILE A 322 10.14 1.29 26.24
C ILE A 322 8.85 0.65 26.74
N TYR A 323 7.82 0.75 25.90
CA TYR A 323 6.47 0.33 26.24
C TYR A 323 5.88 -0.74 25.32
N SER A 324 4.90 -1.47 25.84
CA SER A 324 3.98 -2.23 25.01
C SER A 324 2.57 -2.00 25.51
N ILE A 325 1.65 -2.84 25.07
CA ILE A 325 0.28 -2.78 25.51
C ILE A 325 -0.12 -4.17 26.00
N ASP A 326 -0.84 -4.21 27.11
CA ASP A 326 -1.18 -5.49 27.72
C ASP A 326 -2.63 -5.85 27.43
N ASN A 327 -2.82 -6.88 26.61
CA ASN A 327 -4.14 -7.46 26.38
C ASN A 327 -3.99 -8.89 25.88
N GLU A 328 -5.10 -9.58 25.63
CA GLU A 328 -5.02 -11.00 25.33
C GLU A 328 -4.17 -11.24 24.10
N MET A 329 -4.33 -10.36 23.10
CA MET A 329 -3.64 -10.56 21.83
C MET A 329 -2.14 -10.34 21.91
N THR A 330 -1.68 -9.34 22.67
CA THR A 330 -0.22 -9.13 22.75
C THR A 330 0.40 -10.24 23.57
N ARG A 331 -0.29 -10.65 24.64
CA ARG A 331 0.15 -11.82 25.41
C ARG A 331 0.26 -13.08 24.56
N LYS A 332 -0.71 -13.33 23.69
CA LYS A 332 -0.63 -14.53 22.88
C LYS A 332 0.48 -14.39 21.86
N SER A 333 0.58 -13.19 21.30
CA SER A 333 1.61 -12.90 20.31
C SER A 333 3.00 -12.89 20.96
N SER A 334 3.07 -12.47 22.22
CA SER A 334 4.36 -12.46 22.91
C SER A 334 4.81 -13.86 23.27
N GLY A 335 3.85 -14.75 23.52
CA GLY A 335 4.13 -16.14 23.83
C GLY A 335 4.61 -16.84 22.57
N GLY A 336 4.24 -16.24 21.43
CA GLY A 336 4.60 -16.82 20.15
C GLY A 336 6.06 -16.64 19.82
N LEU A 337 6.69 -15.61 20.41
CA LEU A 337 8.14 -15.44 20.27
C LEU A 337 8.93 -16.62 20.84
N GLU A 338 8.42 -17.21 21.92
CA GLU A 338 9.07 -18.36 22.53
C GLU A 338 8.88 -19.59 21.65
N ILE A 339 7.63 -19.82 21.27
CA ILE A 339 7.31 -20.92 20.35
C ILE A 339 8.26 -20.90 19.17
N ALA A 340 8.47 -19.71 18.62
CA ALA A 340 9.22 -19.57 17.36
C ALA A 340 10.70 -19.87 17.52
N ARG A 341 11.16 -20.11 18.74
CA ARG A 341 12.59 -20.41 18.95
C ARG A 341 12.91 -21.82 18.48
N ASN A 342 11.88 -22.64 18.35
CA ASN A 342 12.05 -24.08 18.15
C ASN A 342 11.04 -24.67 17.18
N ILE A 343 11.01 -24.11 15.98
CA ILE A 343 10.08 -24.53 14.94
C ILE A 343 10.82 -25.25 13.80
N GLY A 344 12.12 -25.43 13.97
CA GLY A 344 12.94 -26.07 12.97
C GLY A 344 12.42 -27.46 12.69
N HIS A 345 12.11 -28.19 13.76
CA HIS A 345 11.62 -29.56 13.63
C HIS A 345 10.33 -29.58 12.83
N TYR A 346 9.32 -28.87 13.33
CA TYR A 346 8.03 -28.73 12.64
C TYR A 346 8.23 -28.37 11.17
N LEU A 347 9.03 -27.36 10.91
CA LEU A 347 9.25 -26.87 9.56
C LEU A 347 9.92 -27.94 8.71
N GLU A 348 10.84 -28.67 9.33
CA GLU A 348 11.55 -29.74 8.64
C GLU A 348 10.58 -30.69 7.93
N ARG A 349 9.43 -30.93 8.53
CA ARG A 349 8.58 -32.00 8.04
C ARG A 349 7.43 -31.56 7.13
N VAL A 350 7.54 -30.37 6.55
CA VAL A 350 6.51 -29.88 5.64
C VAL A 350 6.71 -30.44 4.22
#